data_8AG3
#
_entry.id   8AG3
#
_cell.length_a   1.00
_cell.length_b   1.00
_cell.length_c   1.00
_cell.angle_alpha   90.00
_cell.angle_beta   90.00
_cell.angle_gamma   90.00
#
_symmetry.space_group_name_H-M   'P 1'
#
_entity_poly.entity_id   1
_entity_poly.type   'polypeptide(L)'
_entity_poly.pdbx_seq_one_letter_code
;MDIYDDKGLQTIKLFNNEFDCIRNDIRELFKHVTDSDSIQLPMEDNSDIIENIRKILYRRLKNVECVDIDSTITFMKYDP
NDDNKRTCSNWVPLTNNYMEYCLVIYLETPICGGKIKLYHPTGNIKSDKDIMFAKTLDFKSKKVLTGRKTIAVLDISVSY
NRSMTTIHYNDDVDIDIHTDKNGKELCYCYITIDDHYLVDVETIGVIVNRSGKCLLVNNHLGIGIVKDKRISDSFGDVCM
DTIFDFSEARELFSLTNDDNRNIAWDTDKLDDDTDIWTPVTEDDYKFLSRLVLYAKSQSDTVFDYYVLTGDTEPPTVFIF
KVTRFYFNMPKGGENLYFQGWSHPQFEKGGGSGGGSGGSSAWSHPQFEK
;
_entity_poly.pdbx_strand_id   C,D
#
# COMPACT_ATOMS: atom_id res chain seq x y z
N MET A 1 1.11 -9.18 1.14
CA MET A 1 1.06 -7.74 1.38
C MET A 1 -0.27 -7.33 2.01
N ASP A 2 -0.20 -6.77 3.21
CA ASP A 2 -1.37 -6.26 3.91
C ASP A 2 -1.09 -4.86 4.43
N ILE A 3 -2.15 -4.04 4.49
CA ILE A 3 -2.03 -2.64 4.84
C ILE A 3 -2.91 -2.37 6.05
N TYR A 4 -2.36 -1.65 7.03
CA TYR A 4 -3.06 -1.30 8.25
C TYR A 4 -3.31 0.21 8.31
N ASP A 5 -4.16 0.60 9.24
CA ASP A 5 -4.46 2.00 9.51
C ASP A 5 -3.70 2.47 10.74
N ASP A 6 -3.63 3.79 10.91
CA ASP A 6 -2.92 4.37 12.05
C ASP A 6 -3.54 3.94 13.38
N LYS A 7 -4.86 3.73 13.40
CA LYS A 7 -5.49 3.25 14.62
C LYS A 7 -5.08 1.81 14.93
N GLY A 8 -4.88 1.00 13.89
CA GLY A 8 -4.47 -0.38 14.09
C GLY A 8 -5.29 -1.34 13.26
N LEU A 9 -6.44 -0.89 12.77
CA LEU A 9 -7.32 -1.74 11.99
C LEU A 9 -6.72 -2.01 10.62
N GLN A 10 -7.01 -3.20 10.10
CA GLN A 10 -6.56 -3.58 8.76
C GLN A 10 -7.54 -3.04 7.72
N THR A 11 -7.00 -2.46 6.65
CA THR A 11 -7.81 -1.84 5.61
C THR A 11 -7.75 -2.57 4.28
N ILE A 12 -6.55 -2.95 3.83
CA ILE A 12 -6.37 -3.59 2.53
C ILE A 12 -5.59 -4.88 2.72
N LYS A 13 -5.89 -5.85 1.85
CA LYS A 13 -5.15 -7.10 1.81
C LYS A 13 -5.01 -7.55 0.37
N LEU A 14 -3.81 -7.99 0.01
CA LEU A 14 -3.47 -8.41 -1.34
C LEU A 14 -3.11 -9.88 -1.32
N PHE A 15 -3.79 -10.67 -2.15
CA PHE A 15 -3.59 -12.11 -2.19
C PHE A 15 -2.74 -12.49 -3.40
N ASN A 16 -1.99 -13.59 -3.24
CA ASN A 16 -1.15 -14.12 -4.31
C ASN A 16 -1.61 -15.47 -4.80
N ASN A 17 -1.69 -16.46 -3.91
CA ASN A 17 -2.11 -17.80 -4.28
C ASN A 17 -3.21 -18.34 -3.37
N GLU A 18 -3.80 -17.51 -2.51
CA GLU A 18 -4.77 -18.00 -1.52
C GLU A 18 -6.02 -18.57 -2.19
N PHE A 19 -6.51 -17.91 -3.24
CA PHE A 19 -7.75 -18.33 -3.90
C PHE A 19 -7.39 -19.10 -5.17
N ASP A 20 -7.08 -20.39 -4.99
CA ASP A 20 -6.68 -21.24 -6.11
C ASP A 20 -7.80 -22.17 -6.56
N CYS A 21 -8.30 -23.03 -5.68
CA CYS A 21 -9.35 -23.97 -6.08
C CYS A 21 -10.71 -23.29 -6.16
N ILE A 22 -10.98 -22.36 -5.24
CA ILE A 22 -12.22 -21.62 -5.30
C ILE A 22 -12.30 -20.78 -6.56
N ARG A 23 -11.16 -20.49 -7.19
CA ARG A 23 -11.19 -19.85 -8.49
C ARG A 23 -11.88 -20.72 -9.52
N ASN A 24 -11.51 -22.00 -9.58
CA ASN A 24 -12.19 -22.94 -10.48
C ASN A 24 -13.65 -23.12 -10.09
N ASP A 25 -13.93 -23.19 -8.78
CA ASP A 25 -15.32 -23.31 -8.35
C ASP A 25 -16.15 -22.12 -8.78
N ILE A 26 -15.60 -20.90 -8.66
CA ILE A 26 -16.32 -19.71 -9.08
C ILE A 26 -16.48 -19.68 -10.59
N ARG A 27 -15.48 -20.17 -11.33
CA ARG A 27 -15.63 -20.27 -12.78
C ARG A 27 -16.80 -21.19 -13.14
N GLU A 28 -16.87 -22.34 -12.48
CA GLU A 28 -17.97 -23.27 -12.74
C GLU A 28 -19.32 -22.66 -12.38
N LEU A 29 -19.37 -21.93 -11.25
CA LEU A 29 -20.61 -21.28 -10.85
C LEU A 29 -21.02 -20.20 -11.86
N PHE A 30 -20.05 -19.45 -12.36
CA PHE A 30 -20.30 -18.35 -13.29
C PHE A 30 -20.56 -18.83 -14.71
N LYS A 31 -20.29 -20.10 -15.01
CA LYS A 31 -20.64 -20.64 -16.32
C LYS A 31 -22.13 -20.49 -16.64
N HIS A 32 -22.98 -20.43 -15.61
CA HIS A 32 -24.42 -20.30 -15.82
C HIS A 32 -24.85 -18.82 -15.76
N VAL A 33 -24.25 -18.03 -16.65
CA VAL A 33 -24.58 -16.62 -16.78
C VAL A 33 -24.69 -16.28 -18.26
N THR A 34 -25.74 -15.54 -18.62
CA THR A 34 -26.06 -15.25 -20.02
C THR A 34 -26.09 -13.74 -20.24
N ASP A 35 -24.97 -13.19 -20.72
CA ASP A 35 -24.89 -11.81 -21.21
C ASP A 35 -25.32 -10.80 -20.14
N SER A 36 -24.53 -10.75 -19.07
CA SER A 36 -24.77 -9.79 -17.99
C SER A 36 -23.46 -9.09 -17.63
N ASP A 37 -23.48 -7.76 -17.65
CA ASP A 37 -22.30 -7.00 -17.26
C ASP A 37 -22.09 -7.02 -15.75
N SER A 38 -23.17 -7.15 -14.97
CA SER A 38 -23.08 -7.21 -13.52
C SER A 38 -24.29 -8.02 -13.04
N ILE A 39 -24.05 -9.28 -12.68
CA ILE A 39 -25.11 -10.20 -12.30
C ILE A 39 -24.85 -10.69 -10.87
N GLN A 40 -25.86 -10.61 -10.02
CA GLN A 40 -25.76 -11.03 -8.63
C GLN A 40 -26.54 -12.32 -8.44
N LEU A 41 -25.86 -13.34 -7.93
CA LEU A 41 -26.49 -14.62 -7.61
C LEU A 41 -26.55 -14.79 -6.11
N PRO A 42 -27.75 -14.86 -5.51
CA PRO A 42 -27.83 -15.19 -4.09
C PRO A 42 -27.40 -16.62 -3.85
N MET A 43 -26.39 -16.79 -2.99
CA MET A 43 -25.77 -18.09 -2.78
C MET A 43 -26.00 -18.55 -1.35
N GLU A 44 -27.11 -19.27 -1.14
CA GLU A 44 -27.35 -19.97 0.11
C GLU A 44 -27.51 -21.47 -0.08
N ASP A 45 -27.54 -21.95 -1.32
CA ASP A 45 -27.70 -23.38 -1.59
C ASP A 45 -26.36 -24.11 -1.48
N ASN A 46 -25.41 -23.73 -2.33
CA ASN A 46 -24.08 -24.35 -2.34
C ASN A 46 -23.14 -23.49 -1.49
N SER A 47 -23.35 -23.55 -0.19
CA SER A 47 -22.57 -22.75 0.76
C SER A 47 -21.16 -23.30 0.97
N ASP A 48 -20.74 -24.29 0.19
CA ASP A 48 -19.39 -24.84 0.35
C ASP A 48 -18.33 -23.79 0.04
N ILE A 49 -18.52 -23.04 -1.04
CA ILE A 49 -17.55 -22.00 -1.39
C ILE A 49 -17.54 -20.89 -0.33
N ILE A 50 -18.70 -20.59 0.25
CA ILE A 50 -18.75 -19.58 1.30
C ILE A 50 -18.02 -20.07 2.54
N GLU A 51 -18.16 -21.35 2.87
CA GLU A 51 -17.45 -21.91 4.01
C GLU A 51 -15.94 -21.90 3.77
N ASN A 52 -15.51 -22.23 2.55
CA ASN A 52 -14.08 -22.19 2.25
C ASN A 52 -13.53 -20.77 2.35
N ILE A 53 -14.27 -19.79 1.83
CA ILE A 53 -13.82 -18.40 1.92
C ILE A 53 -13.75 -17.95 3.38
N ARG A 54 -14.74 -18.34 4.18
CA ARG A 54 -14.75 -17.98 5.59
C ARG A 54 -13.56 -18.60 6.32
N LYS A 55 -13.26 -19.87 6.04
CA LYS A 55 -12.11 -20.52 6.68
C LYS A 55 -10.81 -19.86 6.25
N ILE A 56 -10.68 -19.54 4.96
CA ILE A 56 -9.47 -18.89 4.47
C ILE A 56 -9.26 -17.54 5.17
N LEU A 57 -10.33 -16.76 5.29
CA LEU A 57 -10.22 -15.48 5.99
C LEU A 57 -9.92 -15.67 7.47
N TYR A 58 -10.48 -16.71 8.10
CA TYR A 58 -10.19 -16.96 9.51
C TYR A 58 -8.72 -17.30 9.72
N ARG A 59 -8.14 -18.15 8.88
CA ARG A 59 -6.77 -18.57 9.08
C ARG A 59 -5.75 -17.52 8.66
N ARG A 60 -6.02 -16.77 7.58
CA ARG A 60 -5.06 -15.83 7.03
C ARG A 60 -5.39 -14.38 7.38
N LEU A 61 -5.88 -14.11 8.58
CA LEU A 61 -6.03 -12.76 9.11
C LEU A 61 -5.44 -12.72 10.52
N LYS A 62 -5.52 -11.55 11.14
CA LYS A 62 -4.93 -11.34 12.45
C LYS A 62 -5.99 -10.86 13.43
N ASN A 63 -6.05 -11.49 14.60
CA ASN A 63 -6.93 -11.10 15.70
C ASN A 63 -8.40 -11.16 15.32
N VAL A 64 -8.76 -11.95 14.31
CA VAL A 64 -10.15 -12.04 13.89
C VAL A 64 -10.96 -12.80 14.93
N GLU A 65 -12.08 -12.20 15.35
CA GLU A 65 -12.94 -12.82 16.35
C GLU A 65 -14.25 -13.34 15.77
N CYS A 66 -14.77 -12.71 14.72
CA CYS A 66 -15.93 -13.23 14.02
C CYS A 66 -15.86 -12.81 12.56
N VAL A 67 -16.56 -13.57 11.71
CA VAL A 67 -16.65 -13.30 10.29
C VAL A 67 -18.09 -13.50 9.84
N ASP A 68 -18.63 -12.51 9.13
CA ASP A 68 -19.97 -12.60 8.55
C ASP A 68 -19.86 -12.31 7.05
N ILE A 69 -20.42 -13.20 6.24
CA ILE A 69 -20.33 -13.10 4.79
C ILE A 69 -21.74 -13.02 4.22
N ASP A 70 -21.98 -12.03 3.38
CA ASP A 70 -23.28 -11.91 2.72
C ASP A 70 -23.48 -13.07 1.75
N SER A 71 -24.73 -13.51 1.61
CA SER A 71 -25.02 -14.68 0.79
C SER A 71 -24.80 -14.38 -0.69
N THR A 72 -25.24 -13.23 -1.15
CA THR A 72 -25.16 -12.91 -2.58
C THR A 72 -23.72 -12.71 -3.03
N ILE A 73 -23.41 -13.20 -4.22
CA ILE A 73 -22.11 -13.01 -4.85
C ILE A 73 -22.34 -12.35 -6.20
N THR A 74 -21.60 -11.28 -6.48
CA THR A 74 -21.81 -10.56 -7.74
C THR A 74 -20.66 -10.85 -8.68
N PHE A 75 -20.95 -10.84 -9.98
CA PHE A 75 -19.97 -11.04 -11.03
C PHE A 75 -20.04 -9.89 -12.01
N MET A 76 -18.88 -9.38 -12.40
CA MET A 76 -18.77 -8.21 -13.25
C MET A 76 -17.87 -8.49 -14.44
N LYS A 77 -18.27 -8.00 -15.60
CA LYS A 77 -17.52 -8.12 -16.85
C LYS A 77 -17.09 -6.74 -17.31
N TYR A 78 -15.93 -6.66 -17.94
CA TYR A 78 -15.40 -5.40 -18.43
C TYR A 78 -14.90 -5.56 -19.86
N ASP A 79 -15.18 -4.56 -20.69
CA ASP A 79 -14.71 -4.48 -22.06
C ASP A 79 -13.93 -3.19 -22.22
N PRO A 80 -13.35 -2.92 -23.39
CA PRO A 80 -12.65 -1.65 -23.58
C PRO A 80 -13.58 -0.46 -23.47
N ASN A 81 -13.96 -0.12 -22.23
CA ASN A 81 -14.84 1.01 -21.93
C ASN A 81 -14.09 1.98 -21.01
N ASP A 82 -14.82 2.99 -20.52
CA ASP A 82 -14.21 4.09 -19.77
C ASP A 82 -14.21 3.87 -18.27
N ASP A 83 -15.39 3.74 -17.66
CA ASP A 83 -15.56 3.68 -16.21
C ASP A 83 -15.03 4.95 -15.54
N ASN A 84 -15.20 5.06 -14.22
CA ASN A 84 -14.74 6.25 -13.51
C ASN A 84 -14.53 5.89 -12.04
N LYS A 85 -14.27 6.90 -11.23
CA LYS A 85 -14.00 6.74 -9.80
C LYS A 85 -15.33 6.58 -9.08
N ARG A 86 -15.71 5.32 -8.83
CA ARG A 86 -16.95 5.01 -8.12
C ARG A 86 -16.67 5.16 -6.64
N THR A 87 -16.97 6.33 -6.10
CA THR A 87 -16.73 6.60 -4.69
C THR A 87 -17.79 5.91 -3.84
N CYS A 88 -17.50 5.83 -2.53
CA CYS A 88 -18.43 5.29 -1.55
C CYS A 88 -18.87 6.42 -0.63
N SER A 89 -20.17 6.47 -0.32
CA SER A 89 -20.75 7.58 0.41
C SER A 89 -20.39 7.48 1.90
N ASN A 90 -19.08 7.61 2.14
CA ASN A 90 -18.48 7.74 3.48
C ASN A 90 -19.17 6.85 4.51
N TRP A 91 -19.15 5.55 4.25
CA TRP A 91 -19.71 4.59 5.20
C TRP A 91 -18.90 4.61 6.49
N VAL A 92 -19.47 5.16 7.54
CA VAL A 92 -18.79 5.31 8.83
C VAL A 92 -19.23 4.18 9.75
N PRO A 93 -18.32 3.34 10.24
CA PRO A 93 -18.72 2.28 11.18
C PRO A 93 -19.14 2.85 12.53
N LEU A 94 -19.76 2.02 13.37
CA LEU A 94 -20.23 2.44 14.69
C LEU A 94 -19.24 2.11 15.79
N THR A 95 -18.85 0.83 15.91
CA THR A 95 -17.92 0.42 16.94
C THR A 95 -16.49 0.72 16.50
N ASN A 96 -15.50 0.24 17.25
CA ASN A 96 -14.10 0.50 16.96
C ASN A 96 -13.31 -0.77 16.65
N ASN A 97 -13.97 -1.92 16.57
CA ASN A 97 -13.30 -3.19 16.28
C ASN A 97 -14.11 -4.00 15.29
N TYR A 98 -14.61 -3.33 14.24
CA TYR A 98 -15.49 -3.95 13.26
C TYR A 98 -15.29 -3.26 11.93
N MET A 99 -15.32 -4.03 10.84
CA MET A 99 -15.09 -3.43 9.54
C MET A 99 -15.71 -4.30 8.46
N GLU A 100 -16.27 -3.66 7.43
CA GLU A 100 -16.91 -4.34 6.31
C GLU A 100 -16.07 -4.12 5.06
N TYR A 101 -15.66 -5.22 4.43
CA TYR A 101 -14.77 -5.19 3.28
C TYR A 101 -15.48 -5.72 2.04
N CYS A 102 -14.97 -5.31 0.89
CA CYS A 102 -15.33 -5.89 -0.40
C CYS A 102 -14.15 -6.71 -0.91
N LEU A 103 -14.41 -7.96 -1.27
CA LEU A 103 -13.38 -8.88 -1.71
C LEU A 103 -13.61 -9.19 -3.19
N VAL A 104 -12.55 -9.05 -3.98
CA VAL A 104 -12.59 -9.19 -5.44
C VAL A 104 -11.64 -10.31 -5.83
N ILE A 105 -12.16 -11.27 -6.60
CA ILE A 105 -11.41 -12.42 -7.09
C ILE A 105 -11.44 -12.38 -8.61
N TYR A 106 -10.28 -12.49 -9.24
CA TYR A 106 -10.14 -12.31 -10.68
C TYR A 106 -10.34 -13.65 -11.38
N LEU A 107 -11.34 -13.71 -12.28
CA LEU A 107 -11.59 -14.92 -13.05
C LEU A 107 -10.84 -14.93 -14.37
N GLU A 108 -10.65 -13.77 -14.99
CA GLU A 108 -9.85 -13.64 -16.21
C GLU A 108 -9.08 -12.33 -16.10
N THR A 109 -7.81 -12.43 -15.73
CA THR A 109 -7.00 -11.24 -15.55
C THR A 109 -6.73 -10.59 -16.89
N PRO A 110 -7.03 -9.30 -17.04
CA PRO A 110 -6.78 -8.63 -18.33
C PRO A 110 -5.29 -8.54 -18.62
N ILE A 111 -4.97 -8.59 -19.91
CA ILE A 111 -3.57 -8.52 -20.33
C ILE A 111 -3.00 -7.13 -20.03
N CYS A 112 -3.74 -6.08 -20.39
CA CYS A 112 -3.33 -4.70 -20.13
C CYS A 112 -4.46 -3.96 -19.45
N GLY A 113 -4.11 -3.09 -18.50
CA GLY A 113 -5.12 -2.36 -17.77
C GLY A 113 -5.89 -3.27 -16.82
N GLY A 114 -7.09 -2.81 -16.48
CA GLY A 114 -7.95 -3.56 -15.57
C GLY A 114 -7.37 -3.68 -14.18
N LYS A 115 -6.86 -2.58 -13.64
CA LYS A 115 -6.26 -2.56 -12.32
C LYS A 115 -7.16 -1.77 -11.37
N ILE A 116 -7.38 -2.32 -10.18
CA ILE A 116 -8.23 -1.69 -9.18
C ILE A 116 -7.38 -0.65 -8.44
N LYS A 117 -7.59 0.62 -8.74
CA LYS A 117 -6.87 1.70 -8.07
C LYS A 117 -7.62 2.11 -6.81
N LEU A 118 -6.88 2.33 -5.73
CA LEU A 118 -7.46 2.67 -4.44
C LEU A 118 -6.91 4.03 -4.02
N TYR A 119 -7.80 4.93 -3.62
CA TYR A 119 -7.39 6.30 -3.28
C TYR A 119 -7.38 6.48 -1.77
N HIS A 120 -6.26 6.96 -1.25
CA HIS A 120 -6.14 7.37 0.14
C HIS A 120 -5.29 8.62 0.20
N PRO A 121 -5.52 9.49 1.19
CA PRO A 121 -4.69 10.70 1.30
C PRO A 121 -3.19 10.41 1.39
N THR A 122 -2.80 9.34 2.07
CA THR A 122 -1.39 9.03 2.26
C THR A 122 -0.75 8.39 1.03
N GLY A 123 -1.55 7.89 0.08
CA GLY A 123 -0.98 7.29 -1.11
C GLY A 123 -1.95 6.40 -1.88
N ASN A 124 -1.76 6.31 -3.19
CA ASN A 124 -2.57 5.46 -4.02
C ASN A 124 -1.94 4.08 -4.14
N ILE A 125 -2.78 3.08 -4.44
CA ILE A 125 -2.35 1.70 -4.63
C ILE A 125 -3.00 1.17 -5.89
N LYS A 126 -2.21 0.58 -6.77
CA LYS A 126 -2.69 -0.05 -8.00
C LYS A 126 -2.22 -1.50 -8.02
N SER A 127 -3.16 -2.42 -8.23
CA SER A 127 -2.86 -3.84 -8.21
C SER A 127 -3.65 -4.55 -9.29
N ASP A 128 -3.25 -5.80 -9.57
CA ASP A 128 -3.90 -6.60 -10.60
C ASP A 128 -4.30 -7.99 -10.09
N LYS A 129 -4.12 -8.26 -8.80
CA LYS A 129 -4.41 -9.56 -8.21
C LYS A 129 -5.70 -9.49 -7.39
N ASP A 130 -6.02 -10.60 -6.74
CA ASP A 130 -7.18 -10.63 -5.86
C ASP A 130 -6.99 -9.68 -4.70
N ILE A 131 -8.06 -8.99 -4.32
CA ILE A 131 -7.95 -7.90 -3.35
C ILE A 131 -9.06 -8.02 -2.31
N MET A 132 -8.81 -7.45 -1.14
CA MET A 132 -9.85 -7.25 -0.12
C MET A 132 -9.66 -5.84 0.43
N PHE A 133 -10.60 -4.95 0.15
CA PHE A 133 -10.41 -3.55 0.50
C PHE A 133 -11.62 -3.00 1.27
N ALA A 134 -11.35 -2.03 2.12
CA ALA A 134 -12.38 -1.43 2.95
C ALA A 134 -13.42 -0.71 2.09
N LYS A 135 -14.68 -0.80 2.51
CA LYS A 135 -15.73 -0.04 1.84
C LYS A 135 -15.60 1.45 2.06
N THR A 136 -14.84 1.88 3.08
CA THR A 136 -14.64 3.30 3.32
C THR A 136 -13.86 3.95 2.18
N LEU A 137 -12.85 3.26 1.66
CA LEU A 137 -11.97 3.84 0.65
C LEU A 137 -12.70 3.99 -0.68
N ASP A 138 -12.15 4.83 -1.54
CA ASP A 138 -12.71 5.11 -2.86
C ASP A 138 -11.88 4.40 -3.92
N PHE A 139 -12.54 3.62 -4.77
CA PHE A 139 -11.84 2.80 -5.74
C PHE A 139 -12.24 3.17 -7.16
N LYS A 140 -11.35 2.85 -8.09
CA LYS A 140 -11.55 3.06 -9.51
C LYS A 140 -11.19 1.78 -10.26
N SER A 141 -11.98 1.45 -11.27
CA SER A 141 -11.72 0.31 -12.13
C SER A 141 -11.14 0.85 -13.44
N LYS A 142 -9.81 0.83 -13.55
CA LYS A 142 -9.15 1.41 -14.70
C LYS A 142 -9.47 0.64 -15.97
N LYS A 143 -9.46 1.36 -17.08
CA LYS A 143 -9.82 0.77 -18.37
C LYS A 143 -8.78 -0.25 -18.82
N VAL A 144 -9.22 -1.22 -19.61
CA VAL A 144 -8.35 -2.24 -20.15
C VAL A 144 -7.98 -1.87 -21.57
N LEU A 145 -6.93 -2.51 -22.07
CA LEU A 145 -6.47 -2.32 -23.44
C LEU A 145 -6.62 -3.57 -24.28
N THR A 146 -6.06 -4.69 -23.84
CA THR A 146 -6.15 -5.96 -24.54
C THR A 146 -6.74 -7.01 -23.60
N GLY A 147 -7.65 -7.82 -24.13
CA GLY A 147 -8.27 -8.88 -23.37
C GLY A 147 -9.47 -8.39 -22.57
N ARG A 148 -10.20 -9.35 -22.02
CA ARG A 148 -11.39 -9.08 -21.23
C ARG A 148 -11.02 -9.10 -19.74
N LYS A 149 -12.03 -8.98 -18.88
CA LYS A 149 -11.80 -8.91 -17.44
C LYS A 149 -13.08 -9.32 -16.72
N THR A 150 -12.99 -10.36 -15.91
CA THR A 150 -14.12 -10.85 -15.11
C THR A 150 -13.71 -10.84 -13.65
N ILE A 151 -14.58 -10.29 -12.79
CA ILE A 151 -14.31 -10.25 -11.37
C ILE A 151 -15.52 -10.79 -10.62
N ALA A 152 -15.25 -11.36 -9.45
CA ALA A 152 -16.28 -11.79 -8.51
C ALA A 152 -16.12 -10.98 -7.22
N VAL A 153 -17.21 -10.34 -6.79
CA VAL A 153 -17.18 -9.42 -5.66
C VAL A 153 -18.11 -9.94 -4.58
N LEU A 154 -17.63 -9.90 -3.33
CA LEU A 154 -18.37 -10.33 -2.16
C LEU A 154 -18.23 -9.27 -1.07
N ASP A 155 -19.21 -9.22 -0.18
CA ASP A 155 -19.22 -8.30 0.96
C ASP A 155 -19.07 -9.10 2.23
N ILE A 156 -18.07 -8.77 3.03
CA ILE A 156 -17.71 -9.57 4.21
C ILE A 156 -17.51 -8.64 5.40
N SER A 157 -18.23 -8.88 6.49
CA SER A 157 -18.10 -8.10 7.71
C SER A 157 -17.30 -8.91 8.73
N VAL A 158 -16.24 -8.31 9.27
CA VAL A 158 -15.37 -8.98 10.21
C VAL A 158 -15.22 -8.13 11.46
N SER A 159 -14.92 -8.79 12.58
CA SER A 159 -14.70 -8.16 13.87
C SER A 159 -13.34 -8.56 14.41
N TYR A 160 -12.70 -7.63 15.12
CA TYR A 160 -11.37 -7.85 15.67
C TYR A 160 -11.39 -7.67 17.18
N ASN A 161 -10.28 -8.07 17.81
CA ASN A 161 -10.12 -7.90 19.25
C ASN A 161 -8.75 -7.32 19.59
N MET B 1 0.34 4.52 7.80
CA MET B 1 -0.13 3.44 6.94
C MET B 1 0.85 2.28 6.94
N ASP B 2 0.62 1.31 7.83
CA ASP B 2 1.50 0.15 7.92
C ASP B 2 1.41 -0.70 6.67
N ILE B 3 2.55 -1.28 6.29
CA ILE B 3 2.60 -2.26 5.20
C ILE B 3 3.54 -3.39 5.65
N TYR B 4 3.07 -4.62 5.51
CA TYR B 4 3.84 -5.81 5.91
C TYR B 4 3.89 -6.80 4.76
N ASP B 5 4.92 -7.62 4.76
CA ASP B 5 5.07 -8.67 3.76
C ASP B 5 4.44 -9.96 4.28
N ASP B 6 4.65 -11.06 3.57
CA ASP B 6 4.12 -12.36 3.98
C ASP B 6 4.81 -12.94 5.20
N LYS B 7 6.06 -12.54 5.45
CA LYS B 7 6.80 -12.98 6.62
C LYS B 7 6.39 -12.26 7.91
N GLY B 8 5.77 -11.08 7.80
CA GLY B 8 5.47 -10.28 8.95
C GLY B 8 6.44 -9.14 9.22
N LEU B 9 7.35 -8.89 8.29
CA LEU B 9 8.36 -7.85 8.42
C LEU B 9 7.82 -6.57 7.78
N GLN B 10 7.79 -5.48 8.55
CA GLN B 10 7.27 -4.23 8.03
C GLN B 10 8.17 -3.71 6.92
N THR B 11 7.55 -3.25 5.83
CA THR B 11 8.28 -2.81 4.64
C THR B 11 8.12 -1.33 4.35
N ILE B 12 6.90 -0.79 4.40
CA ILE B 12 6.64 0.60 4.01
C ILE B 12 5.85 1.28 5.12
N LYS B 13 6.30 2.46 5.53
CA LYS B 13 5.63 3.31 6.50
C LYS B 13 5.32 4.65 5.87
N LEU B 14 4.06 5.08 6.00
CA LEU B 14 3.57 6.36 5.48
C LEU B 14 3.19 7.23 6.67
N PHE B 15 4.08 8.15 7.04
CA PHE B 15 3.79 9.06 8.13
C PHE B 15 3.04 10.28 7.60
N ASN B 16 1.90 10.60 8.20
CA ASN B 16 1.20 11.82 7.82
C ASN B 16 1.53 12.96 8.78
N ASN B 17 1.07 12.86 10.03
CA ASN B 17 1.40 13.85 11.06
C ASN B 17 2.44 13.32 12.04
N GLU B 18 3.65 13.02 11.57
CA GLU B 18 4.67 12.47 12.45
C GLU B 18 5.92 13.32 12.53
N PHE B 19 6.46 13.74 11.39
CA PHE B 19 7.70 14.50 11.34
C PHE B 19 7.48 15.99 11.21
N ASP B 20 6.24 16.47 11.33
CA ASP B 20 6.01 17.91 11.26
C ASP B 20 6.26 18.54 12.62
N CYS B 21 7.39 18.21 13.24
CA CYS B 21 7.88 18.88 14.43
C CYS B 21 9.35 19.25 14.29
N ILE B 22 10.14 18.42 13.61
CA ILE B 22 11.55 18.71 13.34
C ILE B 22 11.79 19.19 11.93
N ARG B 23 10.73 19.34 11.13
CA ARG B 23 10.92 19.71 9.73
C ARG B 23 11.60 21.07 9.60
N ASN B 24 11.29 22.00 10.51
CA ASN B 24 11.99 23.27 10.52
C ASN B 24 13.48 23.08 10.77
N ASP B 25 13.84 22.20 11.70
CA ASP B 25 15.25 21.92 11.96
C ASP B 25 15.95 21.34 10.74
N ILE B 26 15.28 20.41 10.05
CA ILE B 26 15.85 19.88 8.80
C ILE B 26 16.02 20.99 7.77
N ARG B 27 15.07 21.92 7.72
CA ARG B 27 15.18 23.04 6.79
C ARG B 27 16.41 23.90 7.10
N GLU B 28 16.64 24.19 8.39
CA GLU B 28 17.84 24.94 8.75
C GLU B 28 19.09 24.15 8.39
N LEU B 29 19.07 22.83 8.58
CA LEU B 29 20.22 22.01 8.22
C LEU B 29 20.49 22.07 6.72
N PHE B 30 19.44 22.07 5.90
CA PHE B 30 19.59 22.02 4.45
C PHE B 30 20.18 23.31 3.90
N LYS B 31 20.05 24.42 4.63
CA LYS B 31 20.42 25.75 4.15
C LYS B 31 21.85 25.78 3.62
N HIS B 32 22.75 24.99 4.21
CA HIS B 32 24.15 24.95 3.81
C HIS B 32 24.30 24.00 2.62
N VAL B 33 23.80 24.45 1.47
CA VAL B 33 23.87 23.72 0.22
C VAL B 33 24.39 24.66 -0.86
N THR B 34 25.30 24.16 -1.70
CA THR B 34 25.92 24.95 -2.76
C THR B 34 25.83 24.19 -4.07
N ASP B 35 24.69 24.33 -4.76
CA ASP B 35 24.49 23.85 -6.13
C ASP B 35 24.89 22.38 -6.29
N SER B 36 24.34 21.54 -5.42
CA SER B 36 24.58 20.10 -5.46
C SER B 36 23.28 19.38 -5.76
N ASP B 37 23.30 18.53 -6.79
CA ASP B 37 22.11 17.76 -7.14
C ASP B 37 21.73 16.80 -6.01
N SER B 38 22.71 16.11 -5.44
CA SER B 38 22.52 15.19 -4.32
C SER B 38 23.73 15.30 -3.41
N ILE B 39 23.60 16.07 -2.33
CA ILE B 39 24.71 16.31 -1.41
C ILE B 39 24.57 15.36 -0.22
N GLN B 40 25.63 14.61 0.05
CA GLN B 40 25.66 13.67 1.17
C GLN B 40 26.43 14.33 2.32
N LEU B 41 25.74 15.18 3.08
CA LEU B 41 26.38 15.87 4.19
C LEU B 41 26.64 14.89 5.32
N PRO B 42 27.92 14.73 5.74
CA PRO B 42 28.19 13.97 6.96
C PRO B 42 27.81 14.79 8.18
N MET B 43 26.69 14.44 8.80
CA MET B 43 26.15 15.22 9.92
C MET B 43 26.41 14.47 11.23
N GLU B 44 27.22 15.11 12.06
CA GLU B 44 27.62 14.53 13.35
C GLU B 44 27.24 15.41 14.52
N ASP B 45 27.52 16.71 14.45
CA ASP B 45 27.16 17.61 15.54
C ASP B 45 25.77 18.20 15.35
N ASN B 46 24.81 17.31 15.05
CA ASN B 46 23.39 17.65 15.01
C ASN B 46 22.56 16.48 15.53
N SER B 47 23.10 15.73 16.50
CA SER B 47 22.50 14.46 16.88
C SER B 47 21.13 14.60 17.50
N ASP B 48 20.66 15.84 17.70
CA ASP B 48 19.30 16.04 18.19
C ASP B 48 18.29 15.51 17.17
N ILE B 49 18.54 15.75 15.89
CA ILE B 49 17.66 15.24 14.85
C ILE B 49 17.62 13.71 14.89
N ILE B 50 18.79 13.10 15.03
CA ILE B 50 18.88 11.63 15.15
C ILE B 50 18.08 11.16 16.35
N GLU B 51 18.21 11.84 17.48
CA GLU B 51 17.52 11.43 18.70
C GLU B 51 16.00 11.50 18.54
N ASN B 52 15.50 12.59 17.94
CA ASN B 52 14.07 12.69 17.71
C ASN B 52 13.56 11.65 16.72
N ILE B 53 14.34 11.38 15.66
CA ILE B 53 13.94 10.35 14.71
C ILE B 53 13.88 8.99 15.40
N ARG B 54 14.88 8.69 16.23
CA ARG B 54 14.91 7.42 16.95
C ARG B 54 13.73 7.32 17.91
N LYS B 55 13.40 8.41 18.60
CA LYS B 55 12.25 8.40 19.50
C LYS B 55 10.95 8.13 18.76
N ILE B 56 10.76 8.82 17.62
CA ILE B 56 9.52 8.64 16.87
C ILE B 56 9.41 7.21 16.33
N LEU B 57 10.51 6.69 15.80
CA LEU B 57 10.50 5.32 15.28
C LEU B 57 10.25 4.31 16.39
N TYR B 58 10.87 4.51 17.56
CA TYR B 58 10.64 3.61 18.68
C TYR B 58 9.19 3.65 19.14
N ARG B 59 8.59 4.84 19.17
CA ARG B 59 7.22 4.96 19.66
C ARG B 59 6.20 4.39 18.68
N ARG B 60 6.32 4.74 17.40
CA ARG B 60 5.27 4.40 16.45
C ARG B 60 5.59 3.19 15.57
N LEU B 61 6.63 2.42 15.89
CA LEU B 61 6.85 1.13 15.24
C LEU B 61 6.61 0.01 16.23
N LYS B 62 5.92 -1.03 15.79
CA LYS B 62 5.50 -2.12 16.65
C LYS B 62 6.54 -3.24 16.66
N ASN B 63 6.74 -3.82 17.84
CA ASN B 63 7.59 -4.99 18.04
C ASN B 63 9.04 -4.68 17.66
N VAL B 64 9.60 -3.67 18.32
CA VAL B 64 10.92 -3.14 17.99
C VAL B 64 11.90 -3.51 19.11
N GLU B 65 13.08 -3.97 18.72
CA GLU B 65 14.17 -4.27 19.64
C GLU B 65 15.25 -3.19 19.64
N CYS B 66 15.68 -2.74 18.46
CA CYS B 66 16.71 -1.70 18.38
C CYS B 66 16.61 -1.00 17.04
N VAL B 67 16.82 0.31 17.03
CA VAL B 67 16.84 1.11 15.81
C VAL B 67 18.24 1.70 15.67
N ASP B 68 18.92 1.35 14.59
CA ASP B 68 20.31 1.78 14.34
C ASP B 68 20.24 2.88 13.29
N ILE B 69 20.40 4.13 13.74
CA ILE B 69 20.35 5.27 12.83
C ILE B 69 21.75 5.58 12.33
N ASP B 70 21.85 5.98 11.06
CA ASP B 70 23.12 6.34 10.45
C ASP B 70 23.32 7.84 10.57
N SER B 71 24.58 8.27 10.63
CA SER B 71 24.96 9.64 10.96
C SER B 71 25.28 10.48 9.73
N THR B 72 24.56 10.29 8.63
CA THR B 72 24.71 11.15 7.46
C THR B 72 23.33 11.50 6.93
N ILE B 73 23.25 12.63 6.23
CA ILE B 73 21.98 13.11 5.67
C ILE B 73 22.23 13.50 4.22
N THR B 74 21.38 12.98 3.32
CA THR B 74 21.53 13.26 1.89
C THR B 74 20.38 14.12 1.42
N PHE B 75 20.70 15.35 1.01
CA PHE B 75 19.70 16.27 0.45
C PHE B 75 19.72 16.13 -1.07
N MET B 76 18.55 15.85 -1.65
CA MET B 76 18.42 15.70 -3.09
C MET B 76 17.31 16.61 -3.58
N LYS B 77 17.61 17.48 -4.53
CA LYS B 77 16.63 18.33 -5.18
C LYS B 77 16.46 17.89 -6.64
N TYR B 78 15.22 17.82 -7.09
CA TYR B 78 14.89 17.27 -8.40
C TYR B 78 14.38 18.40 -9.29
N ASP B 79 15.16 18.72 -10.33
CA ASP B 79 14.80 19.80 -11.23
C ASP B 79 13.55 19.41 -12.05
N PRO B 80 12.71 20.40 -12.38
CA PRO B 80 11.53 20.09 -13.20
C PRO B 80 11.88 19.52 -14.56
N ASN B 81 13.00 19.94 -15.15
CA ASN B 81 13.40 19.48 -16.47
C ASN B 81 14.33 18.28 -16.42
N ASP B 82 14.62 17.76 -15.22
CA ASP B 82 15.48 16.60 -15.04
C ASP B 82 14.62 15.36 -14.80
N ASP B 83 14.93 14.29 -15.53
CA ASP B 83 14.17 13.06 -15.45
C ASP B 83 14.97 11.97 -14.73
N ASN B 84 14.26 10.92 -14.33
CA ASN B 84 14.90 9.80 -13.64
C ASN B 84 14.48 8.47 -14.26
N LYS B 85 14.85 7.37 -13.62
CA LYS B 85 14.57 6.04 -14.13
C LYS B 85 14.36 5.10 -12.95
N ARG B 86 14.44 3.80 -13.20
CA ARG B 86 14.34 2.81 -12.13
C ARG B 86 15.62 2.83 -11.30
N THR B 87 15.70 1.91 -10.33
CA THR B 87 16.90 1.78 -9.53
C THR B 87 17.43 0.35 -9.56
N CYS B 88 16.52 -0.62 -9.55
CA CYS B 88 16.87 -2.04 -9.64
C CYS B 88 17.88 -2.42 -8.57
N SER B 89 17.45 -2.30 -7.32
CA SER B 89 18.30 -2.58 -6.17
C SER B 89 18.20 -4.06 -5.83
N ASN B 90 19.34 -4.75 -5.82
CA ASN B 90 19.42 -6.16 -5.43
C ASN B 90 20.10 -6.22 -4.07
N TRP B 91 19.33 -6.56 -3.04
CA TRP B 91 19.87 -6.60 -1.69
C TRP B 91 18.95 -7.47 -0.83
N VAL B 92 19.52 -8.48 -0.19
CA VAL B 92 18.76 -9.39 0.66
C VAL B 92 19.44 -9.48 2.02
N PRO B 93 18.71 -9.27 3.12
CA PRO B 93 19.32 -9.40 4.44
C PRO B 93 19.74 -10.83 4.72
N LEU B 94 20.80 -10.97 5.52
CA LEU B 94 21.34 -12.28 5.86
C LEU B 94 20.75 -12.82 7.17
N THR B 95 19.87 -12.08 7.83
CA THR B 95 19.23 -12.52 9.06
C THR B 95 17.71 -12.42 8.90
N ASN B 96 17.00 -12.95 9.88
CA ASN B 96 15.55 -13.07 9.77
C ASN B 96 14.84 -11.77 10.16
N ASN B 97 14.99 -11.32 11.40
CA ASN B 97 14.25 -10.17 11.91
C ASN B 97 15.16 -8.94 11.87
N TYR B 98 15.32 -8.39 10.67
CA TYR B 98 16.19 -7.25 10.45
C TYR B 98 15.93 -6.68 9.07
N MET B 99 15.97 -5.36 8.96
CA MET B 99 15.74 -4.72 7.67
C MET B 99 16.33 -3.32 7.67
N GLU B 100 16.94 -2.94 6.55
CA GLU B 100 17.45 -1.59 6.35
C GLU B 100 16.47 -0.81 5.49
N TYR B 101 16.12 0.39 5.94
CA TYR B 101 15.10 1.21 5.31
C TYR B 101 15.71 2.45 4.70
N CYS B 102 14.85 3.30 4.15
CA CYS B 102 15.26 4.59 3.58
C CYS B 102 14.18 5.60 3.93
N LEU B 103 14.51 6.55 4.81
CA LEU B 103 13.57 7.55 5.29
C LEU B 103 13.68 8.79 4.42
N VAL B 104 12.59 9.11 3.72
CA VAL B 104 12.51 10.30 2.89
C VAL B 104 11.58 11.29 3.58
N ILE B 105 12.13 12.45 3.94
CA ILE B 105 11.37 13.52 4.56
C ILE B 105 11.32 14.68 3.56
N TYR B 106 10.11 15.14 3.24
CA TYR B 106 9.94 16.17 2.23
C TYR B 106 10.22 17.54 2.82
N LEU B 107 11.22 18.23 2.28
CA LEU B 107 11.57 19.58 2.72
C LEU B 107 10.84 20.63 1.87
N GLU B 108 10.84 20.44 0.56
CA GLU B 108 10.10 21.31 -0.37
C GLU B 108 9.26 20.43 -1.27
N THR B 109 7.96 20.39 -1.01
CA THR B 109 7.02 19.60 -1.79
C THR B 109 6.71 20.28 -3.12
N PRO B 110 6.39 19.51 -4.15
CA PRO B 110 6.03 20.11 -5.44
C PRO B 110 4.56 20.46 -5.52
N ILE B 111 4.25 21.38 -6.44
CA ILE B 111 2.86 21.78 -6.66
C ILE B 111 2.06 20.61 -7.20
N CYS B 112 2.61 19.89 -8.17
CA CYS B 112 1.95 18.71 -8.72
C CYS B 112 3.00 17.84 -9.39
N GLY B 113 2.82 16.53 -9.30
CA GLY B 113 3.69 15.58 -9.95
C GLY B 113 4.91 15.24 -9.12
N GLY B 114 5.68 14.27 -9.63
CA GLY B 114 6.91 13.85 -8.99
C GLY B 114 6.76 13.14 -7.67
N LYS B 115 5.74 12.30 -7.53
CA LYS B 115 5.61 11.48 -6.34
C LYS B 115 6.56 10.29 -6.40
N ILE B 116 6.92 9.77 -5.23
CA ILE B 116 7.75 8.58 -5.15
C ILE B 116 6.86 7.37 -5.39
N LYS B 117 7.27 6.49 -6.31
CA LYS B 117 6.46 5.37 -6.73
C LYS B 117 7.25 4.08 -6.58
N LEU B 118 6.67 3.12 -5.87
CA LEU B 118 7.35 1.90 -5.44
C LEU B 118 6.74 0.69 -6.12
N TYR B 119 7.61 -0.24 -6.51
CA TYR B 119 7.26 -1.38 -7.34
C TYR B 119 7.16 -2.64 -6.50
N HIS B 120 6.24 -3.53 -6.89
CA HIS B 120 6.15 -4.89 -6.36
C HIS B 120 5.25 -5.70 -7.27
N PRO B 121 5.53 -6.99 -7.47
CA PRO B 121 4.71 -7.79 -8.38
C PRO B 121 3.27 -7.99 -7.92
N THR B 122 2.87 -7.42 -6.79
CA THR B 122 1.49 -7.51 -6.33
C THR B 122 0.94 -6.14 -5.96
N GLY B 123 1.50 -5.09 -6.53
CA GLY B 123 1.02 -3.74 -6.30
C GLY B 123 2.11 -2.68 -6.34
N ASN B 124 1.74 -1.49 -6.79
CA ASN B 124 2.62 -0.33 -6.83
C ASN B 124 2.02 0.79 -6.00
N ILE B 125 2.87 1.51 -5.29
CA ILE B 125 2.41 2.54 -4.35
C ILE B 125 3.02 3.88 -4.73
N LYS B 126 2.15 4.85 -5.03
CA LYS B 126 2.58 6.22 -5.32
C LYS B 126 2.21 7.11 -4.15
N SER B 127 3.19 7.89 -3.67
CA SER B 127 2.96 8.71 -2.48
C SER B 127 3.77 10.00 -2.59
N ASP B 128 3.27 11.02 -1.90
CA ASP B 128 3.91 12.33 -1.80
C ASP B 128 3.91 12.82 -0.36
N LYS B 129 4.26 11.93 0.56
CA LYS B 129 4.33 12.25 1.98
C LYS B 129 5.62 11.65 2.56
N ASP B 130 5.74 11.73 3.88
CA ASP B 130 6.89 11.13 4.54
C ASP B 130 6.86 9.62 4.38
N ILE B 131 7.88 9.07 3.71
CA ILE B 131 7.91 7.67 3.33
C ILE B 131 9.12 7.01 3.97
N MET B 132 8.95 5.75 4.36
CA MET B 132 10.05 4.94 4.89
C MET B 132 9.93 3.55 4.30
N PHE B 133 10.84 3.18 3.41
CA PHE B 133 10.72 1.92 2.68
C PHE B 133 12.03 1.16 2.71
N ALA B 134 11.92 -0.16 2.57
CA ALA B 134 13.08 -1.03 2.65
C ALA B 134 13.93 -0.94 1.38
N LYS B 135 15.17 -1.43 1.49
CA LYS B 135 16.12 -1.39 0.39
C LYS B 135 15.94 -2.54 -0.58
N THR B 136 15.02 -3.47 -0.32
CA THR B 136 14.77 -4.59 -1.20
C THR B 136 13.86 -4.24 -2.37
N LEU B 137 13.34 -3.02 -2.41
CA LEU B 137 12.35 -2.63 -3.41
C LEU B 137 12.96 -1.69 -4.42
N ASP B 138 12.53 -1.82 -5.67
CA ASP B 138 12.90 -0.87 -6.71
C ASP B 138 11.92 0.29 -6.71
N PHE B 139 12.45 1.51 -6.74
CA PHE B 139 11.64 2.71 -6.59
C PHE B 139 11.96 3.69 -7.71
N LYS B 140 11.06 4.64 -7.92
CA LYS B 140 11.16 5.61 -8.98
C LYS B 140 10.74 6.98 -8.47
N SER B 141 11.49 8.01 -8.88
CA SER B 141 11.14 9.39 -8.62
C SER B 141 10.48 9.94 -9.89
N LYS B 142 9.18 10.19 -9.82
CA LYS B 142 8.43 10.61 -11.00
C LYS B 142 8.86 12.00 -11.45
N LYS B 143 8.55 12.30 -12.71
CA LYS B 143 8.96 13.55 -13.34
C LYS B 143 8.18 14.72 -12.73
N VAL B 144 8.87 15.53 -11.93
CA VAL B 144 8.26 16.77 -11.43
C VAL B 144 8.00 17.71 -12.60
N LEU B 145 6.91 18.47 -12.50
CA LEU B 145 6.56 19.41 -13.56
C LEU B 145 6.11 20.78 -13.06
N THR B 146 5.99 20.98 -11.76
CA THR B 146 5.55 22.27 -11.21
C THR B 146 6.28 22.51 -9.90
N GLY B 147 7.08 23.58 -9.86
CA GLY B 147 7.73 23.98 -8.64
C GLY B 147 9.06 23.26 -8.41
N ARG B 148 9.28 22.88 -7.16
CA ARG B 148 10.51 22.20 -6.75
C ARG B 148 10.17 21.07 -5.80
N LYS B 149 11.07 20.08 -5.73
CA LYS B 149 10.92 18.91 -4.88
C LYS B 149 12.28 18.59 -4.26
N THR B 150 12.50 19.08 -3.05
CA THR B 150 13.74 18.84 -2.32
C THR B 150 13.44 17.96 -1.12
N ILE B 151 14.17 16.83 -1.02
CA ILE B 151 13.93 15.82 -0.01
C ILE B 151 15.22 15.55 0.76
N ALA B 152 15.05 15.03 1.97
CA ALA B 152 16.15 14.59 2.83
C ALA B 152 16.06 13.09 3.04
N VAL B 153 17.18 12.40 2.92
CA VAL B 153 17.26 10.96 3.01
C VAL B 153 18.20 10.57 4.14
N LEU B 154 17.72 9.70 5.02
CA LEU B 154 18.51 9.03 6.03
C LEU B 154 18.66 7.56 5.66
N ASP B 155 19.44 6.84 6.46
CA ASP B 155 19.64 5.40 6.28
C ASP B 155 19.32 4.71 7.59
N ILE B 156 18.30 3.86 7.58
CA ILE B 156 17.80 3.22 8.79
C ILE B 156 18.20 1.75 8.78
N SER B 157 18.28 1.17 9.97
CA SER B 157 18.54 -0.25 10.14
C SER B 157 17.86 -0.70 11.42
N VAL B 158 16.79 -1.48 11.28
CA VAL B 158 15.94 -1.86 12.41
C VAL B 158 15.98 -3.37 12.57
N SER B 159 16.18 -3.82 13.81
CA SER B 159 16.12 -5.23 14.18
C SER B 159 14.98 -5.43 15.17
N TYR B 160 14.07 -6.34 14.84
CA TYR B 160 12.90 -6.61 15.65
C TYR B 160 13.15 -7.82 16.55
N ASN B 161 12.09 -8.28 17.21
CA ASN B 161 12.18 -9.47 18.07
C ASN B 161 11.79 -10.73 17.30
#